data_4WET
#
_entry.id   4WET
#
_cell.length_a   124.477
_cell.length_b   47.118
_cell.length_c   62.588
_cell.angle_alpha   90.00
_cell.angle_beta   96.20
_cell.angle_gamma   90.00
#
_symmetry.space_group_name_H-M   'C 1 2 1'
#
loop_
_entity.id
_entity.type
_entity.pdbx_description
1 polymer 'Thiol:disulfide interchange protein'
2 non-polymer N-({4-methyl-2-[4-(trifluoromethyl)phenyl]-1,3-thiazol-5-yl}carbonyl)-L-tyrosine
3 non-polymer 1,2-ETHANEDIOL
4 non-polymer 'SODIUM ION'
5 water water
#
_entity_poly.entity_id   1
_entity_poly.type   'polypeptide(L)'
_entity_poly.pdbx_seq_one_letter_code
;AQYEDGKQYTTLEKPVAGAPQVLEFFSFFCPHCYQFEEVLHISDNVKKKLPEGVKMTKYHVNFMGGDLGKDLTQAWAVAM
ALGVEDKVTVPLFEGVQKTQTIRSASDIRDVFINAGIKGEEYDAAWNSFVVKSLVAQQEKAAADVQLRGVPAMFVNGKYQ
LNPQGMDTSNMDVFVQQYADTVKYLSEKK
;
_entity_poly.pdbx_strand_id   A,B
#
# COMPACT_ATOMS: atom_id res chain seq x y z
N GLN A 2 18.43 -12.04 20.12
CA GLN A 2 18.96 -10.86 20.80
C GLN A 2 17.89 -9.80 20.95
N TYR A 3 16.94 -10.06 21.85
CA TYR A 3 15.82 -9.15 22.05
C TYR A 3 16.20 -7.97 22.94
N GLU A 4 15.84 -6.78 22.50
CA GLU A 4 16.13 -5.58 23.25
C GLU A 4 14.94 -4.63 23.18
N ASP A 5 14.61 -4.04 24.32
CA ASP A 5 13.59 -3.01 24.37
C ASP A 5 14.05 -1.82 23.53
N GLY A 6 13.17 -1.35 22.66
CA GLY A 6 13.51 -0.29 21.73
C GLY A 6 13.84 -0.84 20.36
N LYS A 7 14.11 -2.14 20.28
CA LYS A 7 14.50 -2.75 19.01
C LYS A 7 13.33 -3.47 18.35
N GLN A 8 13.07 -4.72 18.77
CA GLN A 8 11.99 -5.51 18.18
C GLN A 8 10.63 -5.14 18.78
N TYR A 9 10.66 -4.46 19.92
CA TYR A 9 9.45 -4.09 20.62
C TYR A 9 9.71 -2.91 21.56
N THR A 10 8.65 -2.28 22.02
CA THR A 10 8.77 -1.28 23.08
C THR A 10 7.87 -1.69 24.24
N THR A 11 8.07 -1.04 25.38
CA THR A 11 7.32 -1.38 26.59
C THR A 11 6.44 -0.22 27.03
N LEU A 12 5.14 -0.48 27.19
CA LEU A 12 4.20 0.57 27.57
C LEU A 12 4.50 1.11 28.96
N GLU A 13 4.31 2.40 29.14
CA GLU A 13 4.59 3.07 30.40
C GLU A 13 3.59 2.64 31.48
N LYS A 14 2.33 2.51 31.08
CA LYS A 14 1.28 2.08 31.99
C LYS A 14 0.47 0.94 31.39
N PRO A 15 0.86 -0.30 31.70
CA PRO A 15 0.24 -1.53 31.18
C PRO A 15 -1.27 -1.57 31.39
N VAL A 16 -2.00 -2.06 30.40
CA VAL A 16 -3.45 -2.14 30.45
C VAL A 16 -3.92 -3.43 31.14
N ALA A 17 -4.74 -3.28 32.17
CA ALA A 17 -5.26 -4.44 32.90
C ALA A 17 -6.35 -5.16 32.11
N GLY A 18 -6.32 -6.48 32.16
CA GLY A 18 -7.31 -7.30 31.48
C GLY A 18 -7.31 -7.15 29.97
N ALA A 19 -6.16 -6.76 29.42
CA ALA A 19 -6.02 -6.60 27.98
C ALA A 19 -5.97 -7.95 27.27
N PRO A 20 -6.41 -8.00 26.01
CA PRO A 20 -6.28 -9.22 25.20
C PRO A 20 -4.81 -9.64 25.11
N GLN A 21 -4.56 -10.94 24.98
CA GLN A 21 -3.19 -11.43 24.96
C GLN A 21 -2.45 -10.91 23.74
N VAL A 22 -3.10 -10.97 22.59
CA VAL A 22 -2.56 -10.42 21.35
C VAL A 22 -3.62 -9.51 20.73
N LEU A 23 -3.29 -8.23 20.59
CA LEU A 23 -4.25 -7.23 20.11
C LEU A 23 -3.65 -6.46 18.95
N GLU A 24 -4.30 -6.56 17.79
CA GLU A 24 -3.87 -5.85 16.59
C GLU A 24 -4.82 -4.70 16.26
N PHE A 25 -4.27 -3.56 15.87
CA PHE A 25 -5.10 -2.49 15.34
C PHE A 25 -4.73 -2.24 13.90
N PHE A 26 -5.74 -1.92 13.09
CA PHE A 26 -5.51 -1.61 11.68
C PHE A 26 -6.57 -0.64 11.18
N SER A 27 -6.38 -0.14 9.98
CA SER A 27 -7.40 0.62 9.27
C SER A 27 -7.40 0.13 7.85
N PHE A 28 -8.56 0.10 7.22
CA PHE A 28 -8.65 -0.27 5.82
C PHE A 28 -8.08 0.82 4.93
N PHE A 29 -7.78 1.99 5.52
CA PHE A 29 -7.12 3.07 4.79
C PHE A 29 -5.59 3.04 4.93
N CYS A 30 -5.13 2.20 5.83
CA CYS A 30 -3.71 2.14 6.20
C CYS A 30 -2.87 1.32 5.19
N PRO A 31 -1.92 1.98 4.50
CA PRO A 31 -1.16 1.29 3.45
C PRO A 31 -0.32 0.13 3.98
N HIS A 32 0.41 0.33 5.08
CA HIS A 32 1.16 -0.79 5.65
C HIS A 32 0.23 -1.92 6.09
N CYS A 33 -1.00 -1.58 6.49
CA CYS A 33 -1.97 -2.58 6.91
C CYS A 33 -2.40 -3.45 5.73
N TYR A 34 -2.51 -2.83 4.56
CA TYR A 34 -2.80 -3.56 3.33
C TYR A 34 -1.67 -4.54 3.07
N GLN A 35 -0.43 -4.07 3.17
N GLN A 35 -0.45 -4.03 3.17
CA GLN A 35 0.71 -4.93 2.98
CA GLN A 35 0.79 -4.81 3.03
C GLN A 35 0.73 -6.06 4.00
C GLN A 35 0.79 -6.00 3.99
N PHE A 36 0.50 -5.72 5.25
CA PHE A 36 0.48 -6.73 6.33
C PHE A 36 -0.54 -7.83 6.11
N GLU A 37 -1.71 -7.49 5.56
CA GLU A 37 -2.76 -8.48 5.29
C GLU A 37 -2.60 -9.27 3.99
N GLU A 38 -2.43 -8.57 2.87
N GLU A 38 -2.46 -8.58 2.86
CA GLU A 38 -2.48 -9.19 1.55
CA GLU A 38 -2.44 -9.26 1.56
C GLU A 38 -1.15 -9.80 1.08
C GLU A 38 -1.12 -9.90 1.16
N VAL A 39 -0.03 -9.21 1.47
CA VAL A 39 1.28 -9.61 1.00
C VAL A 39 2.04 -10.43 2.04
N LEU A 40 2.04 -9.96 3.28
CA LEU A 40 2.82 -10.58 4.33
C LEU A 40 2.05 -11.59 5.16
N HIS A 41 0.72 -11.41 5.23
CA HIS A 41 -0.15 -12.27 6.04
C HIS A 41 0.32 -12.37 7.49
N ILE A 42 0.62 -11.22 8.09
CA ILE A 42 1.16 -11.15 9.44
C ILE A 42 0.29 -11.88 10.49
N SER A 43 -1.00 -11.57 10.53
CA SER A 43 -1.88 -12.20 11.52
C SER A 43 -1.85 -13.73 11.42
N ASP A 44 -1.97 -14.26 10.20
CA ASP A 44 -1.96 -15.70 10.01
C ASP A 44 -0.65 -16.32 10.49
N ASN A 45 0.46 -15.65 10.23
CA ASN A 45 1.74 -16.22 10.59
C ASN A 45 2.03 -16.09 12.09
N VAL A 46 1.52 -15.04 12.70
CA VAL A 46 1.62 -14.92 14.15
C VAL A 46 0.79 -16.01 14.82
N LYS A 47 -0.42 -16.21 14.30
CA LYS A 47 -1.31 -17.26 14.80
C LYS A 47 -0.67 -18.65 14.73
N LYS A 48 0.01 -18.93 13.62
CA LYS A 48 0.61 -20.23 13.40
C LYS A 48 1.76 -20.48 14.38
N LYS A 49 2.41 -19.41 14.82
CA LYS A 49 3.57 -19.53 15.69
C LYS A 49 3.20 -19.57 17.16
N LEU A 50 2.02 -19.06 17.48
CA LEU A 50 1.55 -19.04 18.85
C LEU A 50 0.88 -20.37 19.22
N PRO A 51 0.80 -20.66 20.53
CA PRO A 51 0.04 -21.84 20.99
C PRO A 51 -1.44 -21.73 20.62
N GLU A 52 -2.15 -22.86 20.69
CA GLU A 52 -3.59 -22.86 20.42
C GLU A 52 -4.35 -22.01 21.41
N GLY A 53 -3.91 -22.04 22.67
CA GLY A 53 -4.58 -21.35 23.76
C GLY A 53 -4.61 -19.84 23.69
N VAL A 54 -3.72 -19.24 22.90
CA VAL A 54 -3.63 -17.79 22.84
C VAL A 54 -4.70 -17.18 21.92
N LYS A 55 -5.40 -16.18 22.44
CA LYS A 55 -6.45 -15.50 21.68
C LYS A 55 -5.91 -14.26 20.97
N MET A 56 -6.20 -14.14 19.68
CA MET A 56 -5.84 -12.95 18.92
C MET A 56 -7.07 -12.10 18.60
N THR A 57 -6.93 -10.80 18.85
CA THR A 57 -8.02 -9.86 18.64
C THR A 57 -7.54 -8.81 17.64
N LYS A 58 -8.43 -8.39 16.75
CA LYS A 58 -8.08 -7.39 15.74
C LYS A 58 -9.17 -6.33 15.67
N TYR A 59 -8.79 -5.08 15.91
CA TYR A 59 -9.76 -3.98 15.94
C TYR A 59 -9.42 -2.95 14.87
N HIS A 60 -10.46 -2.33 14.34
CA HIS A 60 -10.33 -1.23 13.38
C HIS A 60 -10.27 0.11 14.12
N VAL A 61 -9.63 1.10 13.52
CA VAL A 61 -9.52 2.40 14.15
C VAL A 61 -10.17 3.50 13.32
N ASN A 62 -10.48 4.61 13.98
CA ASN A 62 -11.23 5.72 13.39
C ASN A 62 -10.41 6.78 12.68
N PHE A 63 -9.13 6.89 13.01
CA PHE A 63 -8.41 8.12 12.69
C PHE A 63 -7.76 8.15 11.30
N MET A 64 -8.18 7.23 10.42
CA MET A 64 -7.85 7.34 9.01
C MET A 64 -9.16 7.39 8.21
N GLY A 65 -9.20 8.21 7.17
CA GLY A 65 -10.28 8.15 6.20
C GLY A 65 -11.56 8.93 6.45
N GLY A 66 -11.52 9.92 7.34
CA GLY A 66 -12.68 10.76 7.60
C GLY A 66 -13.96 10.03 7.95
N ASP A 67 -15.09 10.51 7.43
CA ASP A 67 -16.39 9.89 7.70
C ASP A 67 -16.43 8.41 7.36
N LEU A 68 -15.81 8.03 6.26
CA LEU A 68 -15.81 6.64 5.84
C LEU A 68 -15.03 5.79 6.84
N GLY A 69 -14.03 6.40 7.47
CA GLY A 69 -13.24 5.74 8.50
C GLY A 69 -14.08 5.25 9.66
N LYS A 70 -15.01 6.08 10.13
CA LYS A 70 -15.92 5.70 11.20
C LYS A 70 -16.85 4.58 10.72
N ASP A 71 -17.32 4.70 9.48
CA ASP A 71 -18.22 3.71 8.90
C ASP A 71 -17.53 2.35 8.86
N LEU A 72 -16.24 2.35 8.50
CA LEU A 72 -15.49 1.10 8.42
C LEU A 72 -15.26 0.48 9.79
N THR A 73 -15.10 1.30 10.81
CA THR A 73 -15.02 0.76 12.17
C THR A 73 -16.34 0.10 12.58
N GLN A 74 -17.45 0.70 12.19
CA GLN A 74 -18.76 0.10 12.46
C GLN A 74 -18.95 -1.16 11.63
N ALA A 75 -18.48 -1.13 10.39
CA ALA A 75 -18.54 -2.29 9.53
C ALA A 75 -17.69 -3.43 10.09
N TRP A 76 -16.52 -3.10 10.65
CA TRP A 76 -15.69 -4.15 11.24
C TRP A 76 -16.37 -4.75 12.46
N ALA A 77 -17.08 -3.91 13.22
CA ALA A 77 -17.91 -4.41 14.33
C ALA A 77 -18.95 -5.40 13.81
N VAL A 78 -19.59 -5.07 12.70
CA VAL A 78 -20.54 -6.00 12.08
C VAL A 78 -19.85 -7.31 11.72
N ALA A 79 -18.67 -7.20 11.11
CA ALA A 79 -17.93 -8.41 10.71
C ALA A 79 -17.57 -9.28 11.93
N MET A 80 -17.14 -8.66 13.04
CA MET A 80 -16.86 -9.42 14.26
C MET A 80 -18.13 -10.06 14.84
N ALA A 81 -19.21 -9.30 14.86
CA ALA A 81 -20.49 -9.81 15.38
C ALA A 81 -21.04 -10.98 14.57
N LEU A 82 -20.88 -10.93 13.26
CA LEU A 82 -21.38 -11.98 12.38
C LEU A 82 -20.35 -13.09 12.18
N GLY A 83 -19.12 -12.82 12.58
CA GLY A 83 -18.03 -13.77 12.42
C GLY A 83 -17.63 -13.96 10.97
N VAL A 84 -17.61 -12.88 10.20
CA VAL A 84 -17.29 -12.97 8.78
C VAL A 84 -16.07 -12.13 8.41
N GLU A 85 -15.20 -11.86 9.38
CA GLU A 85 -13.97 -11.13 9.16
C GLU A 85 -13.22 -11.64 7.92
N ASP A 86 -13.07 -12.96 7.83
CA ASP A 86 -12.29 -13.53 6.74
C ASP A 86 -12.96 -13.43 5.39
N LYS A 87 -14.25 -13.11 5.38
CA LYS A 87 -14.96 -12.96 4.12
C LYS A 87 -14.83 -11.55 3.55
N VAL A 88 -14.65 -10.56 4.42
CA VAL A 88 -14.72 -9.18 3.96
C VAL A 88 -13.40 -8.42 4.02
N THR A 89 -12.39 -8.96 4.69
CA THR A 89 -11.12 -8.23 4.81
C THR A 89 -10.51 -7.86 3.45
N VAL A 90 -10.40 -8.84 2.54
CA VAL A 90 -9.80 -8.54 1.25
C VAL A 90 -10.63 -7.56 0.42
N PRO A 91 -11.94 -7.82 0.22
CA PRO A 91 -12.66 -6.85 -0.63
C PRO A 91 -12.77 -5.44 -0.01
N LEU A 92 -12.73 -5.33 1.31
CA LEU A 92 -12.71 -4.00 1.92
C LEU A 92 -11.36 -3.32 1.68
N PHE A 93 -10.25 -4.03 1.91
CA PHE A 93 -8.94 -3.45 1.61
C PHE A 93 -8.81 -3.02 0.15
N GLU A 94 -9.21 -3.90 -0.76
CA GLU A 94 -9.06 -3.59 -2.18
C GLU A 94 -10.04 -2.50 -2.61
N GLY A 95 -11.26 -2.53 -2.07
CA GLY A 95 -12.25 -1.50 -2.37
C GLY A 95 -11.79 -0.11 -1.96
N VAL A 96 -11.12 -0.02 -0.81
CA VAL A 96 -10.59 1.25 -0.36
C VAL A 96 -9.30 1.67 -1.08
N GLN A 97 -8.32 0.78 -1.12
CA GLN A 97 -6.99 1.21 -1.57
C GLN A 97 -6.62 0.83 -3.00
N LYS A 98 -7.17 -0.26 -3.51
CA LYS A 98 -6.78 -0.70 -4.85
C LYS A 98 -7.66 -0.10 -5.94
N THR A 99 -8.97 -0.36 -5.89
CA THR A 99 -9.89 0.11 -6.90
C THR A 99 -10.54 1.45 -6.55
N GLN A 100 -10.49 1.80 -5.25
CA GLN A 100 -11.09 3.04 -4.73
C GLN A 100 -12.58 3.11 -5.09
N THR A 101 -13.26 1.97 -4.99
CA THR A 101 -14.69 1.92 -5.29
C THR A 101 -15.53 2.04 -4.03
N ILE A 102 -14.89 2.04 -2.87
CA ILE A 102 -15.60 2.20 -1.62
C ILE A 102 -15.57 3.67 -1.23
N ARG A 103 -16.70 4.35 -1.38
CA ARG A 103 -16.79 5.79 -1.15
C ARG A 103 -17.88 6.14 -0.13
N SER A 104 -18.77 5.19 0.14
CA SER A 104 -19.87 5.45 1.08
C SER A 104 -20.23 4.19 1.85
N ALA A 105 -21.07 4.36 2.87
CA ALA A 105 -21.57 3.24 3.67
C ALA A 105 -22.27 2.20 2.78
N SER A 106 -22.98 2.68 1.76
N SER A 106 -22.97 2.67 1.75
CA SER A 106 -23.66 1.79 0.82
CA SER A 106 -23.66 1.75 0.84
C SER A 106 -22.66 0.88 0.11
C SER A 106 -22.67 0.89 0.05
N ASP A 107 -21.50 1.45 -0.27
CA ASP A 107 -20.47 0.67 -0.95
C ASP A 107 -19.92 -0.41 -0.02
N ILE A 108 -19.84 -0.07 1.27
CA ILE A 108 -19.39 -1.03 2.27
C ILE A 108 -20.43 -2.15 2.38
N ARG A 109 -21.70 -1.77 2.42
CA ARG A 109 -22.78 -2.75 2.45
C ARG A 109 -22.69 -3.69 1.26
N ASP A 110 -22.45 -3.13 0.07
CA ASP A 110 -22.34 -3.94 -1.15
C ASP A 110 -21.26 -5.01 -1.02
N VAL A 111 -20.15 -4.68 -0.38
CA VAL A 111 -19.08 -5.63 -0.22
C VAL A 111 -19.54 -6.82 0.62
N PHE A 112 -20.26 -6.55 1.71
CA PHE A 112 -20.79 -7.63 2.53
C PHE A 112 -21.78 -8.51 1.75
N ILE A 113 -22.67 -7.87 1.00
CA ILE A 113 -23.63 -8.59 0.15
C ILE A 113 -22.90 -9.53 -0.81
N ASN A 114 -21.89 -8.99 -1.48
CA ASN A 114 -21.15 -9.77 -2.48
C ASN A 114 -20.31 -10.89 -1.87
N ALA A 115 -19.96 -10.73 -0.60
CA ALA A 115 -19.22 -11.75 0.12
C ALA A 115 -20.16 -12.82 0.70
N GLY A 116 -21.45 -12.70 0.42
CA GLY A 116 -22.40 -13.73 0.81
C GLY A 116 -23.24 -13.42 2.04
N ILE A 117 -23.01 -12.26 2.65
CA ILE A 117 -23.81 -11.88 3.82
C ILE A 117 -25.18 -11.36 3.36
N LYS A 118 -26.24 -11.96 3.87
CA LYS A 118 -27.59 -11.54 3.54
C LYS A 118 -27.81 -10.08 3.94
N GLY A 119 -28.41 -9.30 3.03
CA GLY A 119 -28.68 -7.89 3.27
C GLY A 119 -29.42 -7.61 4.56
N GLU A 120 -30.47 -8.38 4.82
CA GLU A 120 -31.26 -8.23 6.05
C GLU A 120 -30.40 -8.44 7.29
N GLU A 121 -29.50 -9.43 7.22
CA GLU A 121 -28.64 -9.74 8.35
C GLU A 121 -27.64 -8.60 8.57
N TYR A 122 -27.12 -8.04 7.49
CA TYR A 122 -26.17 -6.95 7.59
C TYR A 122 -26.80 -5.73 8.23
N ASP A 123 -27.98 -5.36 7.75
CA ASP A 123 -28.67 -4.18 8.24
C ASP A 123 -29.03 -4.31 9.72
N ALA A 124 -29.52 -5.49 10.11
CA ALA A 124 -29.87 -5.73 11.51
C ALA A 124 -28.63 -5.59 12.40
N ALA A 125 -27.51 -6.14 11.95
CA ALA A 125 -26.26 -6.03 12.68
C ALA A 125 -25.81 -4.57 12.75
N TRP A 126 -25.82 -3.90 11.61
CA TRP A 126 -25.34 -2.52 11.49
C TRP A 126 -26.01 -1.61 12.52
N ASN A 127 -27.29 -1.84 12.75
CA ASN A 127 -28.09 -0.99 13.64
C ASN A 127 -28.22 -1.53 15.05
N SER A 128 -27.51 -2.61 15.35
CA SER A 128 -27.70 -3.29 16.63
C SER A 128 -26.88 -2.65 17.75
N PHE A 129 -27.34 -2.84 18.98
CA PHE A 129 -26.61 -2.35 20.13
C PHE A 129 -25.43 -3.26 20.46
N VAL A 130 -25.50 -4.53 20.04
CA VAL A 130 -24.32 -5.40 20.08
C VAL A 130 -23.19 -4.77 19.28
N VAL A 131 -23.50 -4.26 18.09
CA VAL A 131 -22.48 -3.67 17.25
C VAL A 131 -22.05 -2.31 17.82
N LYS A 132 -23.00 -1.55 18.35
CA LYS A 132 -22.68 -0.29 19.00
C LYS A 132 -21.67 -0.51 20.12
N SER A 133 -21.82 -1.61 20.85
CA SER A 133 -20.93 -1.90 21.95
C SER A 133 -19.54 -2.33 21.44
N LEU A 134 -19.50 -3.10 20.36
CA LEU A 134 -18.24 -3.46 19.74
C LEU A 134 -17.50 -2.23 19.22
N VAL A 135 -18.24 -1.23 18.73
CA VAL A 135 -17.59 0.00 18.26
C VAL A 135 -16.96 0.70 19.46
N ALA A 136 -17.69 0.75 20.58
CA ALA A 136 -17.18 1.32 21.82
C ALA A 136 -15.95 0.56 22.33
N GLN A 137 -15.99 -0.77 22.22
CA GLN A 137 -14.88 -1.59 22.69
C GLN A 137 -13.60 -1.32 21.90
N GLN A 138 -13.73 -1.17 20.58
CA GLN A 138 -12.57 -0.89 19.71
C GLN A 138 -11.98 0.46 20.04
N GLU A 139 -12.83 1.46 20.23
CA GLU A 139 -12.37 2.81 20.56
C GLU A 139 -11.68 2.85 21.93
N LYS A 140 -12.26 2.18 22.91
CA LYS A 140 -11.70 2.18 24.26
C LYS A 140 -10.35 1.47 24.30
N ALA A 141 -10.24 0.37 23.57
CA ALA A 141 -9.00 -0.40 23.49
C ALA A 141 -7.86 0.47 22.96
N ALA A 142 -8.15 1.22 21.90
CA ALA A 142 -7.15 2.12 21.31
C ALA A 142 -6.76 3.19 22.29
N ALA A 143 -7.76 3.74 22.99
CA ALA A 143 -7.50 4.78 23.98
C ALA A 143 -6.66 4.25 25.14
N ASP A 144 -6.90 3.00 25.52
CA ASP A 144 -6.19 2.40 26.64
C ASP A 144 -4.67 2.30 26.40
N VAL A 145 -4.27 2.06 25.15
CA VAL A 145 -2.86 1.94 24.83
C VAL A 145 -2.31 3.22 24.21
N GLN A 146 -3.11 4.30 24.30
N GLN A 146 -3.10 4.30 24.30
CA GLN A 146 -2.77 5.59 23.70
CA GLN A 146 -2.75 5.59 23.70
C GLN A 146 -2.32 5.44 22.25
C GLN A 146 -2.31 5.44 22.25
N LEU A 147 -3.15 4.78 21.46
CA LEU A 147 -2.80 4.45 20.08
C LEU A 147 -2.68 5.67 19.18
N ARG A 148 -1.54 5.78 18.50
CA ARG A 148 -1.23 6.95 17.70
C ARG A 148 -1.13 6.63 16.21
N GLY A 149 -1.08 5.35 15.88
CA GLY A 149 -0.99 4.97 14.48
C GLY A 149 -1.15 3.48 14.25
N VAL A 150 -1.38 3.12 12.99
CA VAL A 150 -1.48 1.73 12.59
C VAL A 150 -0.52 1.44 11.42
N PRO A 151 -0.14 0.16 11.25
CA PRO A 151 -0.54 -0.99 12.06
C PRO A 151 0.11 -0.97 13.43
N ALA A 152 -0.47 -1.70 14.36
CA ALA A 152 0.07 -1.80 15.71
C ALA A 152 -0.33 -3.13 16.30
N MET A 153 0.56 -3.73 17.07
CA MET A 153 0.21 -4.95 17.78
C MET A 153 0.73 -4.87 19.21
N PHE A 154 -0.12 -5.29 20.14
CA PHE A 154 0.18 -5.25 21.56
C PHE A 154 0.07 -6.64 22.17
N VAL A 155 1.00 -6.96 23.06
CA VAL A 155 1.03 -8.26 23.72
C VAL A 155 0.79 -8.12 25.21
N ASN A 156 -0.29 -8.73 25.69
CA ASN A 156 -0.65 -8.68 27.10
C ASN A 156 -0.75 -7.27 27.67
N GLY A 157 -1.13 -6.32 26.81
CA GLY A 157 -1.28 -4.94 27.21
C GLY A 157 -0.03 -4.29 27.77
N LYS A 158 1.12 -4.91 27.51
CA LYS A 158 2.38 -4.47 28.10
C LYS A 158 3.45 -4.11 27.08
N TYR A 159 3.48 -4.84 25.96
CA TYR A 159 4.49 -4.60 24.94
C TYR A 159 3.84 -4.26 23.60
N GLN A 160 4.53 -3.42 22.83
CA GLN A 160 4.10 -3.04 21.49
C GLN A 160 5.16 -3.47 20.48
N LEU A 161 4.75 -4.15 19.42
CA LEU A 161 5.69 -4.60 18.39
C LEU A 161 6.33 -3.40 17.71
N ASN A 162 7.59 -3.53 17.32
CA ASN A 162 8.29 -2.46 16.61
C ASN A 162 8.86 -2.96 15.30
N PRO A 163 8.01 -3.06 14.27
CA PRO A 163 8.43 -3.59 12.96
C PRO A 163 9.57 -2.78 12.35
N GLN A 164 9.63 -1.48 12.65
CA GLN A 164 10.69 -0.61 12.15
C GLN A 164 12.08 -1.08 12.57
N GLY A 165 12.13 -1.82 13.69
CA GLY A 165 13.38 -2.30 14.21
C GLY A 165 13.79 -3.67 13.67
N MET A 166 13.03 -4.17 12.71
CA MET A 166 13.25 -5.50 12.15
C MET A 166 13.83 -5.43 10.75
N ASP A 167 14.28 -6.58 10.27
N ASP A 167 14.30 -6.57 10.24
CA ASP A 167 14.86 -6.71 8.94
CA ASP A 167 14.96 -6.60 8.93
C ASP A 167 13.78 -6.57 7.87
C ASP A 167 13.95 -6.71 7.78
N THR A 168 14.05 -5.75 6.86
CA THR A 168 13.07 -5.58 5.77
C THR A 168 13.66 -5.85 4.38
N SER A 169 14.69 -6.69 4.33
N SER A 169 14.71 -6.66 4.31
CA SER A 169 15.36 -7.05 3.08
CA SER A 169 15.30 -7.02 3.01
C SER A 169 14.71 -8.26 2.42
C SER A 169 14.52 -8.17 2.38
N ASN A 170 13.97 -9.04 3.23
CA ASN A 170 13.30 -10.24 2.77
C ASN A 170 11.96 -10.35 3.48
N MET A 171 10.89 -10.51 2.71
CA MET A 171 9.54 -10.52 3.28
C MET A 171 9.36 -11.60 4.33
N ASP A 172 9.89 -12.79 4.05
CA ASP A 172 9.62 -13.92 4.93
C ASP A 172 10.52 -13.88 6.17
N VAL A 173 11.72 -13.33 6.02
CA VAL A 173 12.55 -13.04 7.20
C VAL A 173 11.85 -12.04 8.12
N PHE A 174 11.29 -10.97 7.54
CA PHE A 174 10.56 -9.99 8.33
C PHE A 174 9.41 -10.65 9.07
N VAL A 175 8.63 -11.46 8.36
CA VAL A 175 7.48 -12.12 8.97
C VAL A 175 7.93 -13.05 10.09
N GLN A 176 9.01 -13.79 9.84
CA GLN A 176 9.57 -14.68 10.85
C GLN A 176 10.01 -13.90 12.09
N GLN A 177 10.71 -12.79 11.89
CA GLN A 177 11.19 -12.00 13.03
C GLN A 177 10.03 -11.40 13.80
N TYR A 178 9.00 -10.96 13.07
CA TYR A 178 7.81 -10.38 13.68
C TYR A 178 7.11 -11.43 14.54
N ALA A 179 6.77 -12.55 13.92
CA ALA A 179 6.06 -13.62 14.60
C ALA A 179 6.85 -14.15 15.80
N ASP A 180 8.16 -14.31 15.62
CA ASP A 180 9.02 -14.80 16.70
C ASP A 180 9.05 -13.81 17.86
N THR A 181 8.99 -12.52 17.54
CA THR A 181 8.95 -11.51 18.60
C THR A 181 7.66 -11.62 19.39
N VAL A 182 6.53 -11.82 18.69
CA VAL A 182 5.26 -11.96 19.37
C VAL A 182 5.30 -13.14 20.34
N LYS A 183 5.85 -14.27 19.89
CA LYS A 183 5.96 -15.46 20.73
C LYS A 183 6.85 -15.20 21.95
N TYR A 184 8.02 -14.62 21.71
CA TYR A 184 8.92 -14.24 22.79
C TYR A 184 8.23 -13.36 23.85
N LEU A 185 7.48 -12.37 23.39
CA LEU A 185 6.78 -11.45 24.29
C LEU A 185 5.66 -12.13 25.06
N SER A 186 4.95 -13.05 24.41
CA SER A 186 3.83 -13.74 25.04
C SER A 186 4.30 -14.65 26.16
N GLU A 187 5.50 -15.20 25.99
CA GLU A 187 6.09 -16.08 27.00
C GLU A 187 6.84 -15.29 28.07
N LYS A 188 6.99 -13.99 27.85
CA LYS A 188 7.68 -13.12 28.80
C LYS A 188 6.92 -13.03 30.11
N ALA B 1 -14.54 18.62 -21.92
CA ALA B 1 -13.66 18.96 -20.80
C ALA B 1 -13.28 20.42 -20.81
N GLN B 2 -13.40 21.06 -19.66
CA GLN B 2 -12.99 22.45 -19.47
C GLN B 2 -11.92 22.48 -18.39
N TYR B 3 -10.70 22.84 -18.77
CA TYR B 3 -9.57 22.71 -17.85
C TYR B 3 -9.40 23.95 -16.99
N GLU B 4 -9.15 23.72 -15.70
CA GLU B 4 -8.95 24.79 -14.73
C GLU B 4 -7.90 24.33 -13.73
N ASP B 5 -6.99 25.24 -13.39
CA ASP B 5 -6.02 24.99 -12.34
C ASP B 5 -6.79 24.61 -11.08
N GLY B 6 -6.37 23.52 -10.43
CA GLY B 6 -7.03 23.07 -9.23
C GLY B 6 -8.09 22.03 -9.47
N LYS B 7 -8.47 21.84 -10.73
CA LYS B 7 -9.49 20.85 -11.09
C LYS B 7 -8.84 19.54 -11.53
N GLN B 8 -8.52 19.44 -12.82
CA GLN B 8 -7.92 18.22 -13.34
C GLN B 8 -6.44 18.11 -13.01
N TYR B 9 -5.85 19.22 -12.55
CA TYR B 9 -4.43 19.28 -12.23
C TYR B 9 -4.22 20.40 -11.24
N THR B 10 -3.06 20.41 -10.60
CA THR B 10 -2.65 21.53 -9.78
C THR B 10 -1.30 22.02 -10.28
N THR B 11 -0.89 23.20 -9.83
CA THR B 11 0.35 23.80 -10.29
C THR B 11 1.35 23.90 -9.15
N LEU B 12 2.53 23.30 -9.32
CA LEU B 12 3.55 23.33 -8.27
C LEU B 12 3.96 24.77 -7.96
N GLU B 13 4.08 25.08 -6.67
CA GLU B 13 4.53 26.40 -6.26
C GLU B 13 6.00 26.59 -6.64
N LYS B 14 6.75 25.49 -6.60
CA LYS B 14 8.16 25.50 -6.97
C LYS B 14 8.42 24.58 -8.16
N PRO B 15 8.24 25.10 -9.38
CA PRO B 15 8.44 24.30 -10.59
C PRO B 15 9.85 23.74 -10.72
N VAL B 16 9.97 22.59 -11.36
CA VAL B 16 11.25 21.89 -11.49
C VAL B 16 11.86 22.07 -12.88
N ALA B 17 13.05 22.66 -12.95
CA ALA B 17 13.72 22.86 -14.22
C ALA B 17 14.36 21.55 -14.71
N GLY B 18 14.38 21.36 -16.03
CA GLY B 18 14.99 20.19 -16.62
C GLY B 18 14.29 18.87 -16.30
N ALA B 19 13.06 18.96 -15.80
CA ALA B 19 12.29 17.75 -15.51
C ALA B 19 11.89 17.05 -16.80
N PRO B 20 11.67 15.72 -16.74
CA PRO B 20 11.12 15.01 -17.90
C PRO B 20 9.80 15.64 -18.34
N GLN B 21 9.49 15.56 -19.62
CA GLN B 21 8.24 16.12 -20.15
C GLN B 21 7.03 15.55 -19.42
N VAL B 22 6.98 14.23 -19.28
CA VAL B 22 5.91 13.58 -18.55
C VAL B 22 6.54 12.58 -17.57
N LEU B 23 6.32 12.79 -16.29
CA LEU B 23 6.99 11.99 -15.27
C LEU B 23 6.00 11.34 -14.34
N GLU B 24 6.05 10.01 -14.32
CA GLU B 24 5.14 9.23 -13.50
C GLU B 24 5.94 8.58 -12.37
N PHE B 25 5.39 8.59 -11.17
CA PHE B 25 5.97 7.90 -10.03
C PHE B 25 5.09 6.73 -9.61
N PHE B 26 5.71 5.62 -9.23
CA PHE B 26 4.96 4.44 -8.77
C PHE B 26 5.82 3.62 -7.83
N SER B 27 5.20 2.62 -7.22
CA SER B 27 5.90 1.61 -6.46
C SER B 27 5.28 0.25 -6.76
N PHE B 28 6.09 -0.80 -6.81
CA PHE B 28 5.56 -2.13 -7.04
C PHE B 28 4.80 -2.69 -5.82
N PHE B 29 4.93 -2.03 -4.67
CA PHE B 29 4.16 -2.40 -3.47
C PHE B 29 2.79 -1.73 -3.41
N CYS B 30 2.61 -0.71 -4.23
CA CYS B 30 1.48 0.21 -4.14
C CYS B 30 0.24 -0.35 -4.87
N PRO B 31 -0.84 -0.67 -4.12
CA PRO B 31 -1.94 -1.36 -4.81
C PRO B 31 -2.69 -0.47 -5.80
N HIS B 32 -2.80 0.83 -5.54
CA HIS B 32 -3.45 1.68 -6.52
C HIS B 32 -2.55 1.88 -7.74
N CYS B 33 -1.24 1.69 -7.55
CA CYS B 33 -0.29 1.73 -8.67
C CYS B 33 -0.46 0.49 -9.54
N TYR B 34 -0.71 -0.64 -8.89
CA TYR B 34 -1.04 -1.87 -9.61
C TYR B 34 -2.32 -1.64 -10.44
N GLN B 35 -3.33 -1.04 -9.81
CA GLN B 35 -4.56 -0.70 -10.51
C GLN B 35 -4.29 0.16 -11.75
N PHE B 36 -3.55 1.24 -11.55
CA PHE B 36 -3.20 2.16 -12.63
C PHE B 36 -2.55 1.45 -13.81
N GLU B 37 -1.54 0.65 -13.51
CA GLU B 37 -0.70 0.10 -14.56
C GLU B 37 -1.24 -1.21 -15.13
N GLU B 38 -1.61 -2.14 -14.26
CA GLU B 38 -1.98 -3.48 -14.69
C GLU B 38 -3.44 -3.61 -15.14
N VAL B 39 -4.30 -2.78 -14.60
CA VAL B 39 -5.73 -2.85 -14.88
C VAL B 39 -6.19 -1.72 -15.81
N LEU B 40 -5.88 -0.48 -15.44
CA LEU B 40 -6.31 0.69 -16.19
C LEU B 40 -5.41 1.02 -17.38
N HIS B 41 -4.14 0.61 -17.29
CA HIS B 41 -3.11 0.93 -18.27
C HIS B 41 -2.97 2.44 -18.49
N ILE B 42 -2.86 3.18 -17.40
CA ILE B 42 -2.75 4.63 -17.46
C ILE B 42 -1.56 5.09 -18.31
N SER B 43 -0.37 4.57 -18.02
CA SER B 43 0.84 4.95 -18.75
C SER B 43 0.67 4.79 -20.26
N ASP B 44 0.16 3.64 -20.66
N ASP B 44 0.18 3.63 -20.67
CA ASP B 44 -0.02 3.32 -22.07
CA ASP B 44 -0.02 3.33 -22.08
C ASP B 44 -1.04 4.23 -22.74
C ASP B 44 -1.03 4.28 -22.73
N ASN B 45 -2.13 4.52 -22.04
CA ASN B 45 -3.19 5.34 -22.60
C ASN B 45 -2.80 6.81 -22.71
N VAL B 46 -1.96 7.26 -21.77
CA VAL B 46 -1.41 8.60 -21.82
C VAL B 46 -0.46 8.71 -23.02
N LYS B 47 0.41 7.71 -23.17
CA LYS B 47 1.37 7.68 -24.25
C LYS B 47 0.68 7.72 -25.62
N LYS B 48 -0.44 7.01 -25.75
CA LYS B 48 -1.20 6.95 -27.01
C LYS B 48 -1.64 8.33 -27.47
N LYS B 49 -1.91 9.21 -26.50
CA LYS B 49 -2.45 10.53 -26.80
C LYS B 49 -1.40 11.62 -26.76
N LEU B 50 -0.18 11.26 -26.35
CA LEU B 50 0.90 12.22 -26.29
C LEU B 50 1.30 12.67 -27.68
N PRO B 51 1.66 13.96 -27.82
CA PRO B 51 2.12 14.50 -29.09
C PRO B 51 3.43 13.85 -29.52
N GLU B 52 3.73 13.90 -30.82
CA GLU B 52 4.97 13.36 -31.34
C GLU B 52 6.16 14.07 -30.69
N GLY B 53 7.14 13.29 -30.26
CA GLY B 53 8.34 13.83 -29.65
C GLY B 53 8.30 13.84 -28.13
N VAL B 54 7.10 13.81 -27.56
CA VAL B 54 6.97 13.81 -26.11
C VAL B 54 7.08 12.41 -25.55
N LYS B 55 8.14 12.16 -24.77
CA LYS B 55 8.40 10.84 -24.21
C LYS B 55 7.90 10.75 -22.78
N MET B 56 7.60 9.53 -22.36
CA MET B 56 7.16 9.28 -20.99
C MET B 56 8.28 8.75 -20.16
N THR B 57 8.36 9.22 -18.93
CA THR B 57 9.35 8.73 -17.99
C THR B 57 8.62 8.21 -16.76
N LYS B 58 9.10 7.09 -16.22
CA LYS B 58 8.46 6.48 -15.06
C LYS B 58 9.52 6.10 -14.04
N TYR B 59 9.35 6.60 -12.81
CA TYR B 59 10.32 6.35 -11.74
C TYR B 59 9.69 5.61 -10.57
N HIS B 60 10.49 4.77 -9.93
CA HIS B 60 10.09 3.98 -8.77
C HIS B 60 10.44 4.72 -7.47
N VAL B 61 9.59 4.59 -6.46
CA VAL B 61 9.83 5.19 -5.17
C VAL B 61 9.61 4.17 -4.08
N ASN B 62 9.96 4.52 -2.85
CA ASN B 62 9.86 3.56 -1.76
C ASN B 62 9.23 4.14 -0.49
N PHE B 63 7.90 4.24 -0.49
CA PHE B 63 7.18 4.70 0.71
C PHE B 63 6.87 3.55 1.65
N MET B 64 6.70 2.35 1.08
CA MET B 64 6.21 1.20 1.86
C MET B 64 7.21 0.07 2.08
N GLY B 65 8.24 -0.01 1.23
CA GLY B 65 8.96 -1.26 1.08
C GLY B 65 10.23 -1.55 1.89
N GLY B 66 10.69 -0.62 2.73
CA GLY B 66 11.93 -0.85 3.45
C GLY B 66 13.12 -1.18 2.54
N ASP B 67 14.00 -2.07 2.99
CA ASP B 67 15.19 -2.42 2.20
C ASP B 67 14.83 -3.10 0.88
N LEU B 68 13.82 -3.97 0.90
CA LEU B 68 13.38 -4.62 -0.34
C LEU B 68 12.86 -3.57 -1.31
N GLY B 69 12.20 -2.54 -0.77
CA GLY B 69 11.74 -1.41 -1.57
C GLY B 69 12.90 -0.74 -2.29
N LYS B 70 14.02 -0.59 -1.59
CA LYS B 70 15.23 -0.03 -2.20
C LYS B 70 15.76 -0.95 -3.30
N ASP B 71 15.68 -2.26 -3.08
CA ASP B 71 16.09 -3.20 -4.11
C ASP B 71 15.23 -3.03 -5.36
N LEU B 72 13.93 -2.83 -5.15
CA LEU B 72 13.01 -2.64 -6.27
C LEU B 72 13.32 -1.36 -7.05
N THR B 73 13.68 -0.30 -6.35
CA THR B 73 14.05 0.95 -7.02
C THR B 73 15.32 0.75 -7.84
N GLN B 74 16.27 0.00 -7.30
CA GLN B 74 17.50 -0.29 -8.04
C GLN B 74 17.22 -1.23 -9.21
N ALA B 75 16.34 -2.22 -9.03
CA ALA B 75 15.96 -3.07 -10.13
C ALA B 75 15.24 -2.30 -11.22
N TRP B 76 14.42 -1.32 -10.84
CA TRP B 76 13.75 -0.48 -11.84
C TRP B 76 14.79 0.35 -12.60
N ALA B 77 15.81 0.83 -11.89
CA ALA B 77 16.94 1.50 -12.53
C ALA B 77 17.58 0.56 -13.58
N VAL B 78 17.78 -0.70 -13.23
CA VAL B 78 18.33 -1.68 -14.19
C VAL B 78 17.39 -1.83 -15.40
N ALA B 79 16.08 -1.88 -15.14
CA ALA B 79 15.11 -2.02 -16.23
C ALA B 79 15.20 -0.83 -17.19
N MET B 80 15.36 0.36 -16.62
CA MET B 80 15.55 1.55 -17.45
C MET B 80 16.88 1.50 -18.21
N ALA B 81 17.95 1.11 -17.52
CA ALA B 81 19.29 1.05 -18.12
C ALA B 81 19.33 0.08 -19.29
N LEU B 82 18.60 -1.02 -19.17
CA LEU B 82 18.58 -2.08 -20.17
C LEU B 82 17.48 -1.88 -21.23
N GLY B 83 16.57 -0.96 -20.95
CA GLY B 83 15.42 -0.71 -21.83
C GLY B 83 14.44 -1.87 -21.88
N VAL B 84 14.21 -2.49 -20.73
CA VAL B 84 13.33 -3.66 -20.68
C VAL B 84 12.14 -3.42 -19.76
N GLU B 85 11.78 -2.16 -19.56
CA GLU B 85 10.62 -1.82 -18.72
C GLU B 85 9.37 -2.54 -19.16
N ASP B 86 9.17 -2.62 -20.48
CA ASP B 86 7.96 -3.24 -21.01
C ASP B 86 7.97 -4.76 -20.93
N LYS B 87 9.05 -5.33 -20.39
N LYS B 87 9.05 -5.34 -20.39
CA LYS B 87 9.17 -6.79 -20.24
CA LYS B 87 9.11 -6.78 -20.22
C LYS B 87 9.12 -7.25 -18.80
C LYS B 87 8.93 -7.20 -18.77
N VAL B 88 9.39 -6.35 -17.86
CA VAL B 88 9.42 -6.72 -16.45
C VAL B 88 8.36 -6.05 -15.58
N THR B 89 7.64 -5.05 -16.10
CA THR B 89 6.63 -4.37 -15.28
C THR B 89 5.54 -5.33 -14.80
N VAL B 90 5.01 -6.13 -15.71
CA VAL B 90 3.97 -7.09 -15.35
C VAL B 90 4.45 -8.16 -14.36
N PRO B 91 5.56 -8.86 -14.65
CA PRO B 91 5.88 -9.91 -13.67
C PRO B 91 6.34 -9.37 -12.33
N LEU B 92 6.87 -8.15 -12.29
CA LEU B 92 7.23 -7.53 -11.01
C LEU B 92 5.95 -7.19 -10.22
N PHE B 93 4.98 -6.54 -10.86
CA PHE B 93 3.73 -6.21 -10.18
C PHE B 93 3.03 -7.50 -9.72
N GLU B 94 2.94 -8.49 -10.60
CA GLU B 94 2.19 -9.69 -10.22
C GLU B 94 2.97 -10.46 -9.16
N GLY B 95 4.29 -10.50 -9.28
CA GLY B 95 5.11 -11.24 -8.32
C GLY B 95 5.09 -10.66 -6.92
N VAL B 96 5.06 -9.34 -6.80
CA VAL B 96 4.98 -8.72 -5.50
C VAL B 96 3.57 -8.86 -4.91
N GLN B 97 2.56 -8.50 -5.70
CA GLN B 97 1.21 -8.29 -5.16
C GLN B 97 0.24 -9.45 -5.30
N LYS B 98 0.38 -10.26 -6.34
CA LYS B 98 -0.62 -11.30 -6.60
C LYS B 98 -0.14 -12.69 -6.24
N THR B 99 0.97 -13.14 -6.83
CA THR B 99 1.43 -14.49 -6.56
C THR B 99 2.33 -14.56 -5.33
N GLN B 100 2.79 -13.39 -4.90
CA GLN B 100 3.67 -13.26 -3.73
C GLN B 100 4.87 -14.19 -3.86
N THR B 101 5.45 -14.18 -5.05
CA THR B 101 6.65 -14.95 -5.34
C THR B 101 7.90 -14.08 -5.24
N ILE B 102 7.71 -12.76 -5.22
CA ILE B 102 8.83 -11.84 -5.09
C ILE B 102 8.97 -11.43 -3.62
N ARG B 103 9.99 -11.96 -2.96
CA ARG B 103 10.17 -11.79 -1.52
C ARG B 103 11.53 -11.21 -1.17
N SER B 104 12.42 -11.17 -2.17
CA SER B 104 13.78 -10.68 -1.98
C SER B 104 14.37 -10.24 -3.30
N ALA B 105 15.56 -9.64 -3.23
CA ALA B 105 16.27 -9.18 -4.42
C ALA B 105 16.57 -10.34 -5.36
N SER B 106 16.80 -11.53 -4.80
CA SER B 106 17.09 -12.69 -5.61
C SER B 106 15.89 -13.04 -6.50
N ASP B 107 14.68 -12.92 -5.95
CA ASP B 107 13.45 -13.17 -6.72
C ASP B 107 13.24 -12.12 -7.81
N ILE B 108 13.61 -10.87 -7.52
CA ILE B 108 13.59 -9.83 -8.55
C ILE B 108 14.49 -10.20 -9.72
N ARG B 109 15.73 -10.57 -9.40
CA ARG B 109 16.70 -11.02 -10.40
C ARG B 109 16.14 -12.17 -11.25
N ASP B 110 15.51 -13.14 -10.59
CA ASP B 110 14.91 -14.26 -11.31
C ASP B 110 13.87 -13.80 -12.34
N VAL B 111 13.10 -12.76 -12.02
CA VAL B 111 12.14 -12.20 -12.97
C VAL B 111 12.82 -11.65 -14.23
N PHE B 112 13.93 -10.92 -14.06
CA PHE B 112 14.66 -10.43 -15.21
C PHE B 112 15.19 -11.60 -16.03
N ILE B 113 15.73 -12.61 -15.36
CA ILE B 113 16.32 -13.75 -16.06
C ILE B 113 15.25 -14.50 -16.84
N ASN B 114 14.08 -14.66 -16.23
CA ASN B 114 12.97 -15.32 -16.89
C ASN B 114 12.42 -14.50 -18.05
N ALA B 115 12.58 -13.18 -17.98
CA ALA B 115 12.13 -12.28 -19.04
C ALA B 115 13.16 -12.15 -20.17
N GLY B 116 14.30 -12.81 -20.03
CA GLY B 116 15.26 -12.89 -21.13
C GLY B 116 16.56 -12.14 -20.94
N ILE B 117 16.70 -11.48 -19.79
CA ILE B 117 17.94 -10.80 -19.47
C ILE B 117 18.89 -11.78 -18.78
N LYS B 118 20.06 -12.04 -19.37
CA LYS B 118 21.03 -12.96 -18.78
C LYS B 118 21.46 -12.49 -17.40
N GLY B 119 21.67 -13.43 -16.48
CA GLY B 119 22.06 -13.10 -15.12
C GLY B 119 23.31 -12.23 -15.00
N GLU B 120 24.30 -12.51 -15.84
CA GLU B 120 25.55 -11.75 -15.78
C GLU B 120 25.34 -10.34 -16.31
N GLU B 121 24.39 -10.18 -17.23
CA GLU B 121 24.05 -8.86 -17.75
C GLU B 121 23.26 -8.05 -16.72
N TYR B 122 22.30 -8.68 -16.06
CA TYR B 122 21.56 -8.04 -14.98
C TYR B 122 22.53 -7.58 -13.89
N ASP B 123 23.46 -8.45 -13.51
CA ASP B 123 24.40 -8.10 -12.44
C ASP B 123 25.33 -6.96 -12.85
N ALA B 124 25.80 -7.01 -14.09
CA ALA B 124 26.66 -5.94 -14.60
C ALA B 124 25.90 -4.61 -14.53
N ALA B 125 24.63 -4.63 -14.94
CA ALA B 125 23.84 -3.41 -14.89
C ALA B 125 23.62 -2.99 -13.43
N TRP B 126 23.27 -3.98 -12.60
CA TRP B 126 23.01 -3.73 -11.18
C TRP B 126 24.15 -2.97 -10.50
N ASN B 127 25.38 -3.35 -10.80
CA ASN B 127 26.55 -2.75 -10.16
C ASN B 127 27.16 -1.58 -10.94
N SER B 128 26.49 -1.15 -12.00
CA SER B 128 27.03 -0.14 -12.89
C SER B 128 26.87 1.25 -12.31
N PHE B 129 27.73 2.18 -12.76
CA PHE B 129 27.58 3.57 -12.38
C PHE B 129 26.30 4.18 -12.99
N VAL B 130 25.92 3.69 -14.17
CA VAL B 130 24.70 4.18 -14.81
C VAL B 130 23.49 3.94 -13.92
N VAL B 131 23.43 2.76 -13.33
CA VAL B 131 22.30 2.42 -12.46
C VAL B 131 22.39 3.15 -11.13
N LYS B 132 23.60 3.32 -10.60
CA LYS B 132 23.81 4.13 -9.40
C LYS B 132 23.25 5.55 -9.61
N SER B 133 23.56 6.12 -10.76
N SER B 133 23.56 6.13 -10.76
CA SER B 133 23.09 7.45 -11.13
CA SER B 133 23.08 7.46 -11.09
C SER B 133 21.56 7.50 -11.28
C SER B 133 21.55 7.50 -11.29
N LEU B 134 21.01 6.47 -11.92
CA LEU B 134 19.56 6.38 -12.12
C LEU B 134 18.83 6.25 -10.78
N VAL B 135 19.41 5.54 -9.84
CA VAL B 135 18.80 5.46 -8.51
C VAL B 135 18.74 6.87 -7.91
N ALA B 136 19.86 7.58 -7.97
CA ALA B 136 19.94 8.94 -7.46
C ALA B 136 18.96 9.87 -8.18
N GLN B 137 18.81 9.68 -9.49
CA GLN B 137 17.89 10.51 -10.29
C GLN B 137 16.45 10.33 -9.85
N GLN B 138 16.05 9.08 -9.58
CA GLN B 138 14.68 8.80 -9.17
C GLN B 138 14.40 9.47 -7.84
N GLU B 139 15.35 9.37 -6.91
N GLU B 139 15.33 9.33 -6.89
CA GLU B 139 15.22 9.95 -5.57
CA GLU B 139 15.20 9.97 -5.58
C GLU B 139 15.21 11.48 -5.61
C GLU B 139 15.08 11.48 -5.75
N LYS B 140 16.00 12.05 -6.51
CA LYS B 140 16.06 13.52 -6.64
C LYS B 140 14.79 14.07 -7.26
N ALA B 141 14.26 13.34 -8.25
CA ALA B 141 13.04 13.80 -8.92
C ALA B 141 11.87 13.82 -7.93
N ALA B 142 11.80 12.80 -7.09
CA ALA B 142 10.75 12.72 -6.09
C ALA B 142 10.89 13.87 -5.10
N ALA B 143 12.13 14.12 -4.67
CA ALA B 143 12.39 15.23 -3.76
C ALA B 143 12.01 16.56 -4.39
N ASP B 144 12.28 16.72 -5.67
CA ASP B 144 12.08 18.00 -6.36
C ASP B 144 10.61 18.39 -6.44
N VAL B 145 9.73 17.40 -6.63
CA VAL B 145 8.30 17.67 -6.75
C VAL B 145 7.61 17.55 -5.41
N GLN B 146 8.41 17.39 -4.36
CA GLN B 146 7.91 17.18 -3.00
C GLN B 146 6.85 16.07 -2.99
N LEU B 147 7.22 14.94 -3.57
CA LEU B 147 6.29 13.82 -3.72
C LEU B 147 5.73 13.33 -2.39
N ARG B 148 4.41 13.27 -2.30
CA ARG B 148 3.74 12.86 -1.06
C ARG B 148 3.28 11.41 -1.11
N GLY B 149 3.00 10.92 -2.31
CA GLY B 149 2.45 9.59 -2.46
C GLY B 149 2.39 9.19 -3.90
N VAL B 150 2.04 7.93 -4.12
CA VAL B 150 1.92 7.38 -5.47
C VAL B 150 0.58 6.65 -5.60
N PRO B 151 0.07 6.50 -6.84
CA PRO B 151 0.68 6.97 -8.08
C PRO B 151 0.59 8.49 -8.23
N ALA B 152 1.46 9.04 -9.06
CA ALA B 152 1.46 10.49 -9.31
C ALA B 152 2.04 10.73 -10.70
N MET B 153 1.61 11.82 -11.33
CA MET B 153 2.17 12.20 -12.62
C MET B 153 2.34 13.70 -12.72
N PHE B 154 3.45 14.10 -13.32
CA PHE B 154 3.83 15.50 -13.44
C PHE B 154 4.16 15.83 -14.89
N VAL B 155 3.75 17.02 -15.33
CA VAL B 155 4.04 17.44 -16.69
C VAL B 155 4.95 18.66 -16.68
N ASN B 156 6.08 18.52 -17.36
CA ASN B 156 7.08 19.59 -17.52
C ASN B 156 7.52 20.20 -16.20
N GLY B 157 7.49 19.40 -15.14
CA GLY B 157 7.89 19.83 -13.82
C GLY B 157 7.06 20.99 -13.29
N LYS B 158 5.89 21.21 -13.87
CA LYS B 158 5.08 22.37 -13.50
C LYS B 158 3.70 21.99 -12.99
N TYR B 159 3.14 20.93 -13.54
CA TYR B 159 1.75 20.55 -13.28
C TYR B 159 1.64 19.13 -12.73
N GLN B 160 0.79 18.98 -11.72
CA GLN B 160 0.56 17.68 -11.07
C GLN B 160 -0.85 17.19 -11.41
N LEU B 161 -0.95 15.98 -11.95
CA LEU B 161 -2.26 15.43 -12.25
C LEU B 161 -3.08 15.30 -10.98
N ASN B 162 -4.39 15.59 -11.10
CA ASN B 162 -5.29 15.53 -9.96
C ASN B 162 -6.49 14.64 -10.26
N PRO B 163 -6.32 13.33 -10.10
CA PRO B 163 -7.41 12.41 -10.46
C PRO B 163 -8.61 12.47 -9.52
N GLN B 164 -8.47 13.18 -8.40
CA GLN B 164 -9.47 13.16 -7.31
C GLN B 164 -10.97 13.38 -7.60
N GLY B 165 -11.37 14.38 -8.41
CA GLY B 165 -10.53 15.19 -9.27
C GLY B 165 -11.06 14.99 -10.68
N MET B 166 -11.47 13.75 -10.94
CA MET B 166 -11.96 13.32 -12.25
C MET B 166 -13.12 12.35 -12.12
N ASP B 167 -13.78 12.09 -13.23
CA ASP B 167 -14.93 11.18 -13.23
C ASP B 167 -14.46 9.76 -12.98
N THR B 168 -14.30 9.41 -11.71
CA THR B 168 -13.92 8.07 -11.32
C THR B 168 -15.16 7.26 -10.97
N SER B 169 -16.14 7.28 -11.87
CA SER B 169 -17.38 6.53 -11.69
C SER B 169 -17.47 5.46 -12.77
N ASN B 170 -16.68 5.63 -13.81
CA ASN B 170 -16.53 4.67 -14.89
C ASN B 170 -15.04 4.62 -15.24
N MET B 171 -14.45 3.43 -15.19
CA MET B 171 -13.00 3.32 -15.31
C MET B 171 -12.51 3.67 -16.71
N ASP B 172 -13.28 3.30 -17.74
CA ASP B 172 -12.92 3.68 -19.10
C ASP B 172 -12.95 5.20 -19.28
N VAL B 173 -13.98 5.85 -18.76
CA VAL B 173 -14.09 7.30 -18.85
C VAL B 173 -12.97 7.98 -18.07
N PHE B 174 -12.66 7.45 -16.90
CA PHE B 174 -11.60 7.99 -16.06
C PHE B 174 -10.27 7.98 -16.82
N VAL B 175 -9.96 6.85 -17.45
CA VAL B 175 -8.71 6.73 -18.18
C VAL B 175 -8.59 7.77 -19.29
N GLN B 176 -9.65 7.99 -20.05
CA GLN B 176 -9.55 8.96 -21.14
C GLN B 176 -9.49 10.39 -20.62
N GLN B 177 -10.23 10.67 -19.54
CA GLN B 177 -10.16 11.98 -18.90
C GLN B 177 -8.74 12.27 -18.40
N TYR B 178 -8.13 11.26 -17.79
CA TYR B 178 -6.78 11.38 -17.29
C TYR B 178 -5.80 11.62 -18.46
N ALA B 179 -5.89 10.78 -19.49
CA ALA B 179 -4.98 10.89 -20.63
C ALA B 179 -5.19 12.20 -21.39
N ASP B 180 -6.44 12.64 -21.52
CA ASP B 180 -6.71 13.91 -22.20
C ASP B 180 -6.12 15.08 -21.42
N THR B 181 -6.06 14.95 -20.09
CA THR B 181 -5.53 16.02 -19.27
C THR B 181 -4.03 16.14 -19.47
N VAL B 182 -3.36 15.00 -19.56
CA VAL B 182 -1.92 15.00 -19.78
C VAL B 182 -1.61 15.65 -21.13
N LYS B 183 -2.40 15.31 -22.15
CA LYS B 183 -2.21 15.88 -23.48
C LYS B 183 -2.37 17.40 -23.43
N TYR B 184 -3.46 17.86 -22.82
CA TYR B 184 -3.69 19.29 -22.65
C TYR B 184 -2.52 20.00 -21.97
N LEU B 185 -2.04 19.43 -20.87
CA LEU B 185 -0.97 20.06 -20.11
C LEU B 185 0.34 20.10 -20.89
N SER B 186 0.60 19.06 -21.66
CA SER B 186 1.85 18.98 -22.40
C SER B 186 1.85 20.01 -23.52
N GLU B 187 0.66 20.46 -23.92
CA GLU B 187 0.49 21.40 -25.01
C GLU B 187 0.55 22.86 -24.57
N LYS B 188 0.55 23.09 -23.25
CA LYS B 188 0.50 24.46 -22.73
C LYS B 188 1.82 25.19 -22.91
#